data_3PFV
#
_entry.id   3PFV
#
_cell.length_a   60.063
_cell.length_b   98.934
_cell.length_c   61.978
_cell.angle_alpha   90.00
_cell.angle_beta   110.63
_cell.angle_gamma   90.00
#
_symmetry.space_group_name_H-M   'P 1 21 1'
#
loop_
_entity.id
_entity.type
_entity.pdbx_description
1 polymer 'E3 ubiquitin-protein ligase CBL-B'
2 polymer '11-meric peptide from Epidermal growth factor receptor'
3 non-polymer 'SODIUM ION'
4 non-polymer 'CHLORIDE ION'
5 non-polymer 'SULFATE ION'
6 non-polymer 1,2-ETHANEDIOL
7 non-polymer 'TETRAETHYLENE GLYCOL'
8 water water
#
loop_
_entity_poly.entity_id
_entity_poly.type
_entity_poly.pdbx_seq_one_letter_code
_entity_poly.pdbx_strand_id
1 'polypeptide(L)'
;MQAAADRRTVEKTWKLMDKVVRLCQNPKLQLKNSPPYILDILPDTYQHLRLILSKYDDNQKLAQLSENEYFKIYIDSLMK
KSKRAIRLFKEGKERMYEEQSQDRRNLTKLSLIFSHMLAEIKAIFPNGQFQGDNFRITKADAAEFWRKFFGDKTIVPWKV
FRQCLHEVHQISSGLEAMALKSTIDLTCNDYISVFEFDIFTRLFQPWGSILRNWNFLAVTHPGYMAFLTYDEVKARLQKY
STKPGSYIFRLSCTRLGQWAIGYVTGDGNILQTIPHNKPLFQALIDGSREGFYLYPDGRSYNPDLTGLAENLYFQ
;
A,B
2 'polypeptide(L)' LQR(PTR)SSDPTGA C,D
#
# COMPACT_ATOMS: atom_id res chain seq x y z
N ARG A 8 -8.99 15.65 -26.84
CA ARG A 8 -8.47 14.51 -27.64
C ARG A 8 -7.70 13.48 -26.81
N THR A 9 -7.48 13.74 -25.52
CA THR A 9 -6.63 12.84 -24.72
C THR A 9 -7.02 11.35 -24.84
N VAL A 10 -8.27 11.08 -25.21
CA VAL A 10 -8.74 9.73 -25.51
C VAL A 10 -7.99 9.00 -26.64
N GLU A 11 -7.33 9.76 -27.53
CA GLU A 11 -6.59 9.19 -28.66
C GLU A 11 -5.22 8.67 -28.24
N LYS A 12 -4.52 9.43 -27.40
CA LYS A 12 -3.26 8.97 -26.82
C LYS A 12 -3.50 7.78 -25.87
N THR A 13 -4.65 7.75 -25.20
CA THR A 13 -4.96 6.62 -24.34
C THR A 13 -5.10 5.34 -25.18
N TRP A 14 -5.74 5.42 -26.35
CA TRP A 14 -5.88 4.25 -27.23
C TRP A 14 -4.54 3.75 -27.74
N LYS A 15 -3.62 4.66 -27.99
CA LYS A 15 -2.28 4.31 -28.50
C LYS A 15 -1.54 3.52 -27.44
N LEU A 16 -1.60 4.02 -26.22
CA LEU A 16 -0.97 3.35 -25.08
C LEU A 16 -1.59 1.96 -24.85
N MET A 17 -2.92 1.90 -24.93
CA MET A 17 -3.65 0.62 -24.81
C MET A 17 -3.27 -0.35 -25.91
N ASP A 18 -3.25 0.14 -27.15
CA ASP A 18 -2.90 -0.69 -28.31
C ASP A 18 -1.52 -1.28 -28.13
N LYS A 19 -0.59 -0.46 -27.65
CA LYS A 19 0.76 -0.95 -27.37
C LYS A 19 0.72 -2.07 -26.32
N VAL A 20 0.03 -1.86 -25.21
CA VAL A 20 -0.10 -2.90 -24.19
C VAL A 20 -0.61 -4.20 -24.80
N VAL A 21 -1.69 -4.11 -25.59
CA VAL A 21 -2.28 -5.26 -26.27
C VAL A 21 -1.28 -5.93 -27.21
N ARG A 22 -0.75 -5.13 -28.15
CA ARG A 22 0.28 -5.59 -29.09
C ARG A 22 1.37 -6.32 -28.33
N LEU A 23 1.59 -5.82 -27.12
CA LEU A 23 2.70 -6.23 -26.31
C LEU A 23 2.35 -7.46 -25.47
N CYS A 24 1.08 -7.56 -25.10
CA CYS A 24 0.54 -8.75 -24.43
C CYS A 24 0.14 -9.86 -25.41
N GLN A 25 0.23 -9.58 -26.70
CA GLN A 25 -0.02 -10.59 -27.74
C GLN A 25 1.18 -11.50 -27.98
N ASN A 26 2.36 -11.12 -27.47
CA ASN A 26 3.59 -11.91 -27.57
C ASN A 26 3.38 -13.34 -27.03
N PRO A 27 3.26 -14.33 -27.94
CA PRO A 27 2.89 -15.70 -27.55
C PRO A 27 3.86 -16.43 -26.60
N LYS A 28 5.04 -15.86 -26.37
CA LYS A 28 5.96 -16.33 -25.31
C LYS A 28 5.31 -16.30 -23.90
N LEU A 29 4.38 -15.36 -23.68
CA LEU A 29 3.67 -15.25 -22.41
C LEU A 29 2.77 -16.46 -22.08
N GLN A 30 2.32 -17.18 -23.12
CA GLN A 30 1.34 -18.25 -22.96
C GLN A 30 0.11 -17.81 -22.16
N LEU A 31 -0.39 -16.60 -22.43
CA LEU A 31 -1.54 -16.06 -21.65
C LEU A 31 -2.78 -16.93 -21.82
N LYS A 32 -3.48 -17.14 -20.71
CA LYS A 32 -4.68 -17.96 -20.67
C LYS A 32 -5.94 -17.12 -20.92
N ASN A 33 -6.72 -17.54 -21.92
CA ASN A 33 -8.02 -16.98 -22.17
C ASN A 33 -8.92 -17.36 -21.02
N SER A 34 -8.91 -16.50 -20.00
CA SER A 34 -9.62 -16.71 -18.78
C SER A 34 -9.78 -15.33 -18.15
N PRO A 35 -10.99 -14.98 -17.72
CA PRO A 35 -11.11 -13.68 -17.09
C PRO A 35 -10.24 -13.56 -15.83
N PRO A 36 -9.51 -12.44 -15.69
CA PRO A 36 -9.46 -11.28 -16.57
C PRO A 36 -8.42 -11.51 -17.64
N TYR A 37 -8.85 -11.40 -18.90
CA TYR A 37 -8.00 -11.66 -20.05
C TYR A 37 -7.74 -10.35 -20.73
N ILE A 38 -6.49 -9.87 -20.64
CA ILE A 38 -6.16 -8.52 -21.07
C ILE A 38 -6.40 -8.29 -22.57
N LEU A 39 -6.27 -9.34 -23.38
CA LEU A 39 -6.41 -9.23 -24.83
C LEU A 39 -7.88 -9.07 -25.25
N ASP A 40 -8.82 -9.39 -24.37
CA ASP A 40 -10.22 -9.04 -24.59
C ASP A 40 -10.53 -7.66 -23.96
N ILE A 41 -10.01 -7.43 -22.74
CA ILE A 41 -10.42 -6.27 -21.92
C ILE A 41 -10.02 -4.93 -22.53
N LEU A 42 -8.79 -4.79 -22.98
CA LEU A 42 -8.29 -3.52 -23.55
C LEU A 42 -8.96 -3.13 -24.88
N PRO A 43 -9.16 -4.09 -25.80
CA PRO A 43 -9.96 -3.80 -27.01
C PRO A 43 -11.43 -3.57 -26.73
N ASP A 44 -12.02 -4.30 -25.79
CA ASP A 44 -13.40 -4.04 -25.39
C ASP A 44 -13.55 -2.65 -24.76
N THR A 45 -12.47 -2.13 -24.17
CA THR A 45 -12.44 -0.81 -23.51
C THR A 45 -12.33 0.31 -24.53
N TYR A 46 -11.40 0.13 -25.46
CA TYR A 46 -11.35 0.99 -26.64
C TYR A 46 -12.71 1.03 -27.36
N GLN A 47 -13.41 -0.11 -27.41
CA GLN A 47 -14.69 -0.21 -28.09
CA GLN A 47 -14.69 -0.23 -28.09
C GLN A 47 -15.78 0.58 -27.37
N HIS A 48 -15.85 0.45 -26.06
CA HIS A 48 -16.84 1.20 -25.30
C HIS A 48 -16.49 2.67 -25.29
N LEU A 49 -15.19 2.96 -25.40
CA LEU A 49 -14.75 4.33 -25.59
C LEU A 49 -15.19 4.85 -26.97
N ARG A 50 -15.04 4.03 -28.01
CA ARG A 50 -15.64 4.33 -29.33
C ARG A 50 -17.14 4.63 -29.16
N LEU A 51 -17.83 3.73 -28.46
CA LEU A 51 -19.27 3.84 -28.24
C LEU A 51 -19.66 5.14 -27.55
N ILE A 52 -18.78 5.62 -26.65
CA ILE A 52 -19.01 6.89 -25.96
C ILE A 52 -18.81 8.10 -26.88
N LEU A 53 -17.68 8.15 -27.59
CA LEU A 53 -17.41 9.27 -28.52
C LEU A 53 -18.45 9.39 -29.62
N SER A 54 -18.95 8.26 -30.10
CA SER A 54 -20.00 8.23 -31.11
C SER A 54 -21.38 8.66 -30.56
N LYS A 55 -21.63 8.45 -29.28
CA LYS A 55 -22.87 8.93 -28.65
C LYS A 55 -22.77 10.43 -28.36
N TYR A 56 -21.54 10.92 -28.24
CA TYR A 56 -21.28 12.34 -28.06
C TYR A 56 -20.76 12.88 -29.41
N ASP A 57 -21.69 13.13 -30.33
CA ASP A 57 -21.42 13.14 -31.77
C ASP A 57 -21.06 14.50 -32.40
N ASP A 58 -21.20 15.58 -31.63
CA ASP A 58 -20.87 16.92 -32.12
C ASP A 58 -19.95 17.64 -31.13
N ASN A 59 -19.68 18.91 -31.38
CA ASN A 59 -18.69 19.66 -30.58
C ASN A 59 -19.16 20.00 -29.16
N GLN A 60 -20.40 20.44 -28.99
CA GLN A 60 -20.93 20.69 -27.63
C GLN A 60 -20.92 19.46 -26.78
N LYS A 61 -21.45 18.37 -27.32
CA LYS A 61 -21.49 17.12 -26.56
C LYS A 61 -20.07 16.74 -26.18
N LEU A 62 -19.14 16.86 -27.13
CA LEU A 62 -17.72 16.60 -26.86
C LEU A 62 -17.14 17.57 -25.80
N ALA A 63 -17.66 18.80 -25.78
CA ALA A 63 -17.26 19.79 -24.78
C ALA A 63 -17.76 19.43 -23.38
N GLN A 64 -19.02 19.04 -23.27
CA GLN A 64 -19.60 18.64 -22.00
C GLN A 64 -18.87 17.41 -21.41
N LEU A 65 -18.59 16.44 -22.29
CA LEU A 65 -17.82 15.24 -21.93
C LEU A 65 -16.45 15.61 -21.38
N SER A 66 -15.77 16.55 -22.04
CA SER A 66 -14.44 16.96 -21.64
C SER A 66 -14.44 17.60 -20.24
N GLU A 67 -15.60 18.09 -19.81
CA GLU A 67 -15.76 18.64 -18.47
C GLU A 67 -16.40 17.66 -17.47
N ASN A 68 -16.77 16.46 -17.92
CA ASN A 68 -17.33 15.44 -17.02
C ASN A 68 -16.24 14.87 -16.10
N GLU A 69 -16.42 15.10 -14.80
CA GLU A 69 -15.37 14.81 -13.83
C GLU A 69 -15.01 13.33 -13.81
N TYR A 70 -15.99 12.45 -13.71
CA TYR A 70 -15.68 11.03 -13.75
C TYR A 70 -14.86 10.67 -15.00
N PHE A 71 -15.26 11.18 -16.17
CA PHE A 71 -14.60 10.83 -17.41
C PHE A 71 -13.15 11.34 -17.48
N LYS A 72 -12.92 12.52 -16.90
CA LYS A 72 -11.57 13.06 -16.81
C LYS A 72 -10.70 12.13 -15.96
N ILE A 73 -11.21 11.74 -14.80
CA ILE A 73 -10.47 10.84 -13.91
C ILE A 73 -10.22 9.49 -14.64
N TYR A 74 -11.25 8.97 -15.28
CA TYR A 74 -11.15 7.69 -16.00
C TYR A 74 -10.06 7.69 -17.07
N ILE A 75 -10.09 8.68 -17.95
CA ILE A 75 -9.15 8.71 -19.05
C ILE A 75 -7.74 8.85 -18.51
N ASP A 76 -7.57 9.72 -17.51
CA ASP A 76 -6.27 9.84 -16.82
C ASP A 76 -5.81 8.49 -16.28
N SER A 77 -6.68 7.81 -15.50
CA SER A 77 -6.31 6.56 -14.84
C SER A 77 -5.80 5.56 -15.88
N LEU A 78 -6.48 5.59 -16.98
CA LEU A 78 -6.32 4.63 -18.02
C LEU A 78 -5.02 4.94 -18.79
N MET A 79 -4.70 6.21 -18.93
CA MET A 79 -3.40 6.60 -19.41
C MET A 79 -2.38 6.13 -18.38
N LYS A 80 -2.56 6.55 -17.13
CA LYS A 80 -1.62 6.22 -16.08
C LYS A 80 -1.35 4.72 -16.14
N LYS A 81 -2.40 3.93 -16.06
CA LYS A 81 -2.27 2.46 -15.95
C LYS A 81 -1.67 1.83 -17.20
N SER A 82 -1.98 2.40 -18.36
CA SER A 82 -1.45 1.92 -19.61
C SER A 82 0.04 2.24 -19.62
N LYS A 83 0.39 3.45 -19.22
CA LYS A 83 1.80 3.82 -19.07
C LYS A 83 2.50 2.85 -18.13
N ARG A 84 1.83 2.50 -17.04
CA ARG A 84 2.41 1.62 -16.04
C ARG A 84 2.74 0.23 -16.60
N ALA A 85 1.82 -0.34 -17.35
CA ALA A 85 2.02 -1.66 -17.94
C ALA A 85 3.18 -1.64 -18.96
N ILE A 86 3.28 -0.57 -19.72
CA ILE A 86 4.41 -0.38 -20.62
C ILE A 86 5.71 -0.38 -19.81
N ARG A 87 5.71 0.35 -18.69
CA ARG A 87 6.91 0.51 -17.86
C ARG A 87 7.30 -0.85 -17.33
N LEU A 88 6.28 -1.67 -17.05
CA LEU A 88 6.51 -3.00 -16.55
C LEU A 88 7.33 -3.83 -17.55
N PHE A 89 6.90 -3.85 -18.81
CA PHE A 89 7.54 -4.66 -19.86
C PHE A 89 8.99 -4.21 -20.17
N LYS A 90 9.24 -2.90 -20.06
CA LYS A 90 10.58 -2.30 -20.27
C LYS A 90 11.56 -2.62 -19.15
N GLU A 91 11.07 -2.62 -17.92
CA GLU A 91 11.88 -2.89 -16.74
C GLU A 91 12.06 -4.40 -16.53
N GLY A 92 11.02 -5.18 -16.86
CA GLY A 92 11.02 -6.62 -16.66
C GLY A 92 11.73 -7.35 -17.76
N LYS A 93 11.48 -6.95 -19.01
CA LYS A 93 12.05 -7.62 -20.15
C LYS A 93 11.85 -9.13 -20.02
N GLU A 94 12.96 -9.86 -19.84
CA GLU A 94 12.93 -11.33 -19.78
C GLU A 94 11.97 -11.87 -18.72
N ARG A 95 11.96 -11.22 -17.55
CA ARG A 95 11.14 -11.67 -16.41
C ARG A 95 9.65 -11.77 -16.76
N MET A 96 9.18 -10.98 -17.71
CA MET A 96 7.77 -11.05 -18.14
C MET A 96 7.39 -12.35 -18.84
N TYR A 97 8.37 -13.15 -19.26
CA TYR A 97 8.08 -14.48 -19.81
C TYR A 97 8.06 -15.56 -18.74
N GLU A 98 8.47 -15.21 -17.51
CA GLU A 98 8.44 -16.14 -16.39
C GLU A 98 7.08 -16.13 -15.71
N GLU A 99 6.35 -17.24 -15.83
CA GLU A 99 5.02 -17.40 -15.22
C GLU A 99 4.96 -16.87 -13.80
N GLN A 100 5.99 -17.12 -13.01
CA GLN A 100 5.93 -16.87 -11.57
C GLN A 100 6.76 -15.69 -11.08
N SER A 101 7.22 -14.82 -11.98
CA SER A 101 7.96 -13.60 -11.60
C SER A 101 7.01 -12.55 -11.02
N GLN A 102 7.58 -11.62 -10.24
CA GLN A 102 6.79 -10.56 -9.61
C GLN A 102 6.30 -9.57 -10.67
N ASP A 103 7.04 -9.46 -11.76
CA ASP A 103 6.73 -8.54 -12.82
C ASP A 103 5.45 -8.97 -13.49
N ARG A 104 5.35 -10.28 -13.60
CA ARG A 104 4.22 -10.90 -14.22
C ARG A 104 2.96 -10.84 -13.31
N ARG A 105 3.13 -11.15 -12.03
CA ARG A 105 2.06 -10.98 -11.04
C ARG A 105 1.60 -9.52 -11.13
N ASN A 106 2.52 -8.58 -11.29
CA ASN A 106 2.13 -7.19 -11.43
C ASN A 106 1.21 -6.97 -12.62
N LEU A 107 1.43 -7.73 -13.70
CA LEU A 107 0.61 -7.61 -14.88
C LEU A 107 -0.78 -8.21 -14.66
N THR A 108 -0.85 -9.35 -13.98
CA THR A 108 -2.13 -9.93 -13.58
C THR A 108 -2.94 -8.90 -12.77
N LYS A 109 -2.30 -8.22 -11.83
CA LYS A 109 -2.94 -7.21 -10.99
C LYS A 109 -3.53 -6.13 -11.89
N LEU A 110 -2.70 -5.61 -12.81
CA LEU A 110 -3.11 -4.63 -13.80
C LEU A 110 -4.26 -5.11 -14.67
N SER A 111 -4.20 -6.36 -15.13
CA SER A 111 -5.33 -6.95 -15.85
C SER A 111 -6.56 -6.85 -14.97
N LEU A 112 -6.43 -7.23 -13.70
CA LEU A 112 -7.56 -7.14 -12.77
C LEU A 112 -8.06 -5.71 -12.70
N ILE A 113 -7.15 -4.77 -12.50
CA ILE A 113 -7.53 -3.35 -12.53
C ILE A 113 -8.28 -2.98 -13.84
N PHE A 114 -7.81 -3.42 -14.99
CA PHE A 114 -8.49 -3.01 -16.25
C PHE A 114 -9.89 -3.60 -16.35
N SER A 115 -10.03 -4.82 -15.87
CA SER A 115 -11.32 -5.46 -15.85
C SER A 115 -12.31 -4.73 -14.98
N HIS A 116 -11.87 -4.27 -13.82
CA HIS A 116 -12.79 -3.53 -12.94
C HIS A 116 -13.15 -2.19 -13.58
N MET A 117 -12.17 -1.55 -14.21
CA MET A 117 -12.36 -0.27 -14.91
C MET A 117 -13.31 -0.41 -16.10
N LEU A 118 -13.18 -1.52 -16.81
CA LEU A 118 -14.06 -1.78 -17.90
C LEU A 118 -15.49 -1.86 -17.42
N ALA A 119 -15.73 -2.67 -16.39
CA ALA A 119 -17.08 -2.88 -15.90
C ALA A 119 -17.62 -1.60 -15.27
N GLU A 120 -16.74 -0.84 -14.63
CA GLU A 120 -17.16 0.43 -14.10
C GLU A 120 -17.67 1.39 -15.22
N ILE A 121 -16.96 1.47 -16.35
CA ILE A 121 -17.37 2.40 -17.41
C ILE A 121 -18.68 1.95 -18.08
N LYS A 122 -18.94 0.65 -18.10
CA LYS A 122 -20.18 0.11 -18.61
C LYS A 122 -21.34 0.30 -17.63
N ALA A 123 -21.03 0.55 -16.37
CA ALA A 123 -22.07 0.83 -15.39
C ALA A 123 -22.35 2.33 -15.32
N ILE A 124 -21.33 3.15 -15.59
CA ILE A 124 -21.41 4.63 -15.46
C ILE A 124 -21.78 5.30 -16.78
N PHE A 125 -21.40 4.66 -17.91
CA PHE A 125 -21.80 5.05 -19.27
C PHE A 125 -22.46 3.85 -19.99
N PRO A 126 -23.62 3.38 -19.49
CA PRO A 126 -24.28 2.28 -20.21
C PRO A 126 -24.67 2.70 -21.65
N ASN A 127 -24.36 1.85 -22.63
CA ASN A 127 -24.54 2.18 -24.05
C ASN A 127 -23.76 3.40 -24.57
N GLY A 128 -22.80 3.87 -23.79
CA GLY A 128 -22.04 5.06 -24.16
C GLY A 128 -22.55 6.38 -23.62
N GLN A 129 -23.74 6.39 -23.01
CA GLN A 129 -24.35 7.62 -22.43
C GLN A 129 -24.15 7.67 -20.91
N PHE A 130 -23.72 8.84 -20.42
CA PHE A 130 -23.43 9.06 -18.98
C PHE A 130 -24.68 8.98 -18.11
N GLN A 131 -24.63 8.10 -17.11
CA GLN A 131 -25.73 7.94 -16.15
C GLN A 131 -25.20 7.71 -14.74
N GLY A 132 -23.97 8.17 -14.48
CA GLY A 132 -23.40 8.07 -13.16
C GLY A 132 -24.23 8.76 -12.12
N ASP A 133 -24.74 9.94 -12.46
CA ASP A 133 -25.67 10.64 -11.57
C ASP A 133 -27.01 9.93 -11.34
N ASN A 134 -27.30 8.86 -12.09
CA ASN A 134 -28.47 7.99 -11.81
C ASN A 134 -28.13 6.57 -11.42
N PHE A 135 -26.87 6.29 -11.14
CA PHE A 135 -26.51 4.96 -10.67
C PHE A 135 -27.29 4.69 -9.40
N ARG A 136 -27.92 3.52 -9.36
CA ARG A 136 -28.68 3.07 -8.18
C ARG A 136 -27.82 2.08 -7.40
N ILE A 137 -27.50 2.48 -6.19
CA ILE A 137 -26.74 1.67 -5.27
C ILE A 137 -27.64 0.55 -4.85
N THR A 138 -27.10 -0.66 -4.76
CA THR A 138 -27.86 -1.84 -4.42
C THR A 138 -28.45 -1.94 -3.01
N LYS A 139 -27.69 -1.62 -1.98
CA LYS A 139 -28.19 -1.70 -0.60
C LYS A 139 -28.73 -0.36 -0.11
N ALA A 140 -29.88 -0.38 0.55
CA ALA A 140 -30.62 0.82 0.89
C ALA A 140 -29.87 1.64 1.92
N ASP A 141 -29.36 1.00 2.96
CA ASP A 141 -28.55 1.72 3.96
C ASP A 141 -27.32 2.41 3.34
N ALA A 142 -26.62 1.72 2.46
CA ALA A 142 -25.39 2.28 1.84
C ALA A 142 -25.78 3.40 0.90
N ALA A 143 -26.79 3.12 0.10
CA ALA A 143 -27.46 4.12 -0.75
C ALA A 143 -27.77 5.43 -0.02
N GLU A 144 -28.52 5.31 1.08
CA GLU A 144 -28.81 6.47 1.90
C GLU A 144 -27.51 7.21 2.26
N PHE A 145 -26.47 6.47 2.66
CA PHE A 145 -25.26 7.10 3.13
C PHE A 145 -24.60 7.89 2.01
N TRP A 146 -24.54 7.31 0.81
CA TRP A 146 -23.86 7.99 -0.31
C TRP A 146 -24.61 9.30 -0.64
N ARG A 147 -25.91 9.15 -0.58
CA ARG A 147 -26.84 10.23 -0.80
C ARG A 147 -26.62 11.40 0.14
N LYS A 148 -26.74 11.11 1.43
CA LYS A 148 -26.64 12.11 2.49
C LYS A 148 -25.36 12.97 2.34
N PHE A 149 -24.24 12.33 2.01
CA PHE A 149 -22.92 13.02 2.00
C PHE A 149 -22.47 13.45 0.61
N PHE A 150 -22.89 12.72 -0.43
CA PHE A 150 -22.42 13.01 -1.79
C PHE A 150 -23.52 13.26 -2.82
N GLY A 151 -24.78 13.16 -2.41
CA GLY A 151 -25.91 13.32 -3.34
C GLY A 151 -25.78 12.47 -4.60
N ASP A 152 -25.59 13.17 -5.74
CA ASP A 152 -25.59 12.60 -7.08
CA ASP A 152 -25.59 12.57 -7.08
C ASP A 152 -24.20 12.44 -7.71
N LYS A 153 -23.15 12.66 -6.90
CA LYS A 153 -21.78 12.52 -7.40
C LYS A 153 -21.57 11.07 -7.85
N THR A 154 -20.79 10.91 -8.91
CA THR A 154 -20.38 9.61 -9.41
C THR A 154 -19.09 9.13 -8.76
N ILE A 155 -18.30 10.08 -8.25
CA ILE A 155 -16.92 9.81 -7.83
C ILE A 155 -16.42 10.89 -6.88
N VAL A 156 -15.65 10.43 -5.89
CA VAL A 156 -15.28 11.24 -4.74
C VAL A 156 -13.82 10.93 -4.39
N PRO A 157 -13.07 11.92 -3.92
CA PRO A 157 -11.69 11.61 -3.53
C PRO A 157 -11.63 10.76 -2.28
N TRP A 158 -10.62 9.90 -2.20
CA TRP A 158 -10.49 9.02 -1.03
C TRP A 158 -10.64 9.76 0.30
N LYS A 159 -9.85 10.80 0.51
CA LYS A 159 -9.84 11.52 1.78
C LYS A 159 -11.24 11.95 2.21
N VAL A 160 -12.00 12.49 1.27
CA VAL A 160 -13.34 12.95 1.55
C VAL A 160 -14.28 11.77 1.82
N PHE A 161 -14.07 10.67 1.10
CA PHE A 161 -14.86 9.49 1.33
C PHE A 161 -14.61 9.03 2.75
N ARG A 162 -13.33 8.98 3.08
CA ARG A 162 -12.88 8.50 4.37
C ARG A 162 -13.42 9.35 5.52
N GLN A 163 -13.29 10.67 5.38
CA GLN A 163 -13.79 11.58 6.39
C GLN A 163 -15.29 11.39 6.65
N CYS A 164 -16.06 11.26 5.55
CA CYS A 164 -17.51 11.07 5.67
C CYS A 164 -17.82 9.70 6.29
N LEU A 165 -17.14 8.65 5.82
CA LEU A 165 -17.46 7.30 6.29
C LEU A 165 -17.26 7.23 7.77
N HIS A 166 -16.19 7.85 8.20
CA HIS A 166 -15.73 7.85 9.59
C HIS A 166 -16.71 8.49 10.57
N GLU A 167 -17.53 9.44 10.09
CA GLU A 167 -18.59 10.05 10.91
C GLU A 167 -19.73 9.06 11.24
N VAL A 168 -19.84 7.99 10.45
CA VAL A 168 -20.87 6.97 10.64
C VAL A 168 -20.30 5.70 11.26
N HIS A 169 -19.22 5.20 10.66
CA HIS A 169 -18.53 3.99 11.09
C HIS A 169 -17.08 4.37 11.36
N GLN A 170 -16.68 4.46 12.63
CA GLN A 170 -15.33 4.95 12.96
C GLN A 170 -14.16 4.03 12.54
N ILE A 171 -13.17 4.63 11.91
CA ILE A 171 -11.92 3.98 11.55
C ILE A 171 -10.92 4.14 12.70
N SER A 172 -10.34 3.02 13.13
CA SER A 172 -9.51 3.01 14.38
C SER A 172 -8.14 3.65 14.23
N SER A 173 -7.53 3.60 13.05
CA SER A 173 -6.13 4.06 12.90
C SER A 173 -5.79 4.34 11.45
N GLY A 174 -4.61 4.88 11.24
CA GLY A 174 -4.09 5.11 9.91
C GLY A 174 -3.93 3.87 9.07
N LEU A 175 -3.36 2.82 9.61
CA LEU A 175 -3.14 1.60 8.85
C LEU A 175 -4.48 0.87 8.56
N GLU A 176 -5.49 1.02 9.43
CA GLU A 176 -6.82 0.53 9.09
C GLU A 176 -7.39 1.32 7.91
N ALA A 177 -7.16 2.64 7.89
CA ALA A 177 -7.63 3.47 6.79
C ALA A 177 -6.99 3.03 5.48
N MET A 178 -5.68 2.73 5.54
CA MET A 178 -4.90 2.24 4.36
C MET A 178 -5.38 0.86 3.87
N ALA A 179 -5.64 -0.05 4.80
CA ALA A 179 -6.16 -1.36 4.44
C ALA A 179 -7.57 -1.20 3.81
N LEU A 180 -8.35 -0.27 4.33
CA LEU A 180 -9.68 0.02 3.80
C LEU A 180 -9.62 0.62 2.40
N LYS A 181 -8.82 1.64 2.23
CA LYS A 181 -8.66 2.22 0.92
C LYS A 181 -8.35 1.13 -0.10
N SER A 182 -7.35 0.31 0.27
CA SER A 182 -6.88 -0.75 -0.59
C SER A 182 -8.01 -1.74 -0.94
N THR A 183 -8.94 -1.96 -0.01
CA THR A 183 -10.07 -2.82 -0.28
C THR A 183 -11.10 -2.18 -1.18
N ILE A 184 -11.45 -0.91 -0.95
CA ILE A 184 -12.49 -0.23 -1.70
C ILE A 184 -12.03 0.34 -3.07
N ASP A 185 -10.80 0.80 -3.16
CA ASP A 185 -10.28 1.48 -4.34
C ASP A 185 -9.83 0.44 -5.33
N LEU A 186 -10.78 -0.33 -5.85
CA LEU A 186 -10.52 -1.39 -6.79
C LEU A 186 -9.80 -0.92 -8.10
N THR A 187 -10.12 0.26 -8.58
CA THR A 187 -9.46 0.75 -9.77
C THR A 187 -8.10 1.38 -9.48
N CYS A 188 -7.71 1.45 -8.20
CA CYS A 188 -6.39 1.97 -7.79
C CYS A 188 -6.08 3.36 -8.37
N ASN A 189 -7.03 4.30 -8.27
CA ASN A 189 -6.84 5.66 -8.78
C ASN A 189 -7.00 6.70 -7.68
N ASP A 190 -7.00 6.25 -6.41
CA ASP A 190 -7.14 7.13 -5.24
C ASP A 190 -8.45 7.92 -5.17
N TYR A 191 -9.49 7.40 -5.83
CA TYR A 191 -10.86 7.94 -5.76
C TYR A 191 -11.77 6.75 -5.52
N ILE A 192 -12.96 7.02 -4.98
CA ILE A 192 -13.98 5.99 -4.84
C ILE A 192 -15.13 6.45 -5.71
N SER A 193 -15.53 5.61 -6.66
CA SER A 193 -16.73 5.88 -7.45
C SER A 193 -17.95 5.24 -6.79
N VAL A 194 -19.14 5.71 -7.13
CA VAL A 194 -20.41 5.13 -6.63
C VAL A 194 -20.48 3.62 -6.91
N PHE A 195 -19.81 3.20 -7.98
CA PHE A 195 -19.76 1.80 -8.42
C PHE A 195 -18.87 1.00 -7.47
N GLU A 196 -17.62 1.44 -7.29
CA GLU A 196 -16.76 0.82 -6.29
C GLU A 196 -17.47 0.74 -4.93
N PHE A 197 -18.16 1.81 -4.53
CA PHE A 197 -18.88 1.81 -3.30
C PHE A 197 -20.01 0.81 -3.28
N ASP A 198 -20.65 0.60 -4.44
CA ASP A 198 -21.73 -0.41 -4.52
C ASP A 198 -21.12 -1.79 -4.27
N ILE A 199 -19.95 -2.04 -4.85
CA ILE A 199 -19.32 -3.33 -4.71
C ILE A 199 -18.93 -3.65 -3.26
N PHE A 200 -18.20 -2.72 -2.65
CA PHE A 200 -17.77 -2.84 -1.25
C PHE A 200 -18.95 -3.10 -0.32
N THR A 201 -20.01 -2.32 -0.47
CA THR A 201 -21.13 -2.45 0.40
C THR A 201 -21.92 -3.72 0.13
N ARG A 202 -21.85 -4.25 -1.07
CA ARG A 202 -22.40 -5.59 -1.29
C ARG A 202 -21.55 -6.70 -0.67
N LEU A 203 -20.24 -6.58 -0.79
CA LEU A 203 -19.33 -7.62 -0.28
C LEU A 203 -19.36 -7.76 1.27
N PHE A 204 -19.46 -6.64 2.00
CA PHE A 204 -19.25 -6.66 3.45
C PHE A 204 -20.47 -6.21 4.19
N GLN A 205 -21.63 -6.33 3.53
CA GLN A 205 -22.96 -6.17 4.14
C GLN A 205 -23.11 -7.02 5.38
N PRO A 206 -23.94 -6.59 6.35
CA PRO A 206 -24.80 -5.41 6.34
C PRO A 206 -24.10 -4.11 6.64
N TRP A 207 -24.65 -3.03 6.10
CA TRP A 207 -24.11 -1.69 6.31
C TRP A 207 -23.90 -1.34 7.78
N GLY A 208 -24.80 -1.83 8.65
CA GLY A 208 -24.84 -1.46 10.06
C GLY A 208 -23.58 -1.83 10.82
N SER A 209 -22.99 -2.96 10.46
CA SER A 209 -21.77 -3.45 11.07
C SER A 209 -20.66 -3.60 10.01
N ILE A 210 -20.68 -2.72 9.01
CA ILE A 210 -19.85 -2.95 7.81
C ILE A 210 -18.37 -3.06 8.12
N LEU A 211 -17.81 -2.15 8.92
CA LEU A 211 -16.33 -2.19 9.16
C LEU A 211 -15.92 -3.40 10.01
N ARG A 212 -16.85 -3.85 10.85
CA ARG A 212 -16.59 -5.00 11.68
CA ARG A 212 -16.61 -5.00 11.68
C ARG A 212 -16.66 -6.25 10.80
N ASN A 213 -17.54 -6.23 9.81
CA ASN A 213 -17.62 -7.34 8.84
C ASN A 213 -16.37 -7.50 8.04
N TRP A 214 -15.89 -6.36 7.55
CA TRP A 214 -14.62 -6.29 6.82
C TRP A 214 -13.46 -6.67 7.76
N ASN A 215 -13.51 -6.23 9.00
CA ASN A 215 -12.39 -6.56 9.89
C ASN A 215 -12.23 -8.06 10.02
N PHE A 216 -13.34 -8.76 10.19
CA PHE A 216 -13.36 -10.20 10.49
C PHE A 216 -13.40 -11.10 9.27
N LEU A 217 -13.84 -10.56 8.14
CA LEU A 217 -13.83 -11.30 6.91
C LEU A 217 -12.57 -10.97 6.05
N ALA A 218 -11.85 -9.88 6.35
CA ALA A 218 -10.73 -9.48 5.50
C ALA A 218 -9.49 -9.12 6.28
N VAL A 219 -9.59 -8.13 7.18
CA VAL A 219 -8.40 -7.57 7.76
C VAL A 219 -7.64 -8.62 8.58
N THR A 220 -8.35 -9.48 9.29
CA THR A 220 -7.73 -10.46 10.17
C THR A 220 -7.90 -11.89 9.69
N HIS A 221 -8.56 -12.08 8.55
CA HIS A 221 -8.89 -13.43 8.07
C HIS A 221 -7.84 -13.99 7.06
N PRO A 222 -7.23 -15.13 7.37
CA PRO A 222 -6.19 -15.65 6.51
C PRO A 222 -6.67 -16.13 5.18
N GLY A 223 -7.96 -16.37 5.04
CA GLY A 223 -8.51 -16.90 3.83
C GLY A 223 -8.74 -15.87 2.78
N TYR A 224 -8.84 -14.63 3.20
CA TYR A 224 -9.16 -13.54 2.30
C TYR A 224 -7.98 -13.25 1.36
N MET A 225 -8.28 -13.23 0.07
CA MET A 225 -7.26 -12.90 -0.97
C MET A 225 -7.65 -11.65 -1.74
N ALA A 226 -6.82 -10.63 -1.67
CA ALA A 226 -7.05 -9.38 -2.43
C ALA A 226 -6.42 -9.48 -3.85
N PHE A 227 -7.18 -9.05 -4.85
CA PHE A 227 -6.71 -8.93 -6.22
C PHE A 227 -6.14 -10.22 -6.75
N LEU A 228 -6.91 -11.31 -6.59
CA LEU A 228 -6.56 -12.57 -7.17
C LEU A 228 -7.59 -12.98 -8.19
N THR A 229 -7.11 -13.73 -9.18
CA THR A 229 -7.97 -14.32 -10.17
C THR A 229 -8.32 -15.74 -9.83
N TYR A 230 -9.31 -16.20 -10.59
CA TYR A 230 -9.72 -17.58 -10.67
C TYR A 230 -8.57 -18.53 -10.83
N ASP A 231 -7.73 -18.26 -11.85
CA ASP A 231 -6.56 -19.10 -12.11
C ASP A 231 -5.55 -19.05 -10.96
N GLU A 232 -5.31 -17.87 -10.39
CA GLU A 232 -4.41 -17.75 -9.26
C GLU A 232 -4.96 -18.52 -8.05
N VAL A 233 -6.26 -18.46 -7.80
CA VAL A 233 -6.83 -19.21 -6.66
C VAL A 233 -6.56 -20.70 -6.80
N LYS A 234 -6.81 -21.18 -8.01
CA LYS A 234 -6.66 -22.58 -8.32
C LYS A 234 -5.18 -23.03 -8.14
N ALA A 235 -4.24 -22.27 -8.71
CA ALA A 235 -2.79 -22.57 -8.55
C ALA A 235 -2.33 -22.53 -7.11
N ARG A 236 -2.85 -21.59 -6.32
CA ARG A 236 -2.50 -21.50 -4.91
C ARG A 236 -3.01 -22.67 -4.03
N LEU A 237 -4.26 -23.07 -4.23
CA LEU A 237 -4.86 -24.18 -3.48
C LEU A 237 -4.34 -25.56 -3.94
N GLN A 238 -3.65 -25.55 -5.06
CA GLN A 238 -2.99 -26.72 -5.61
C GLN A 238 -1.92 -27.19 -4.62
N LYS A 239 -1.31 -26.24 -3.94
CA LYS A 239 -0.29 -26.55 -2.95
C LYS A 239 -0.87 -27.34 -1.76
N TYR A 240 -2.17 -27.19 -1.51
CA TYR A 240 -2.81 -27.79 -0.35
C TYR A 240 -3.74 -28.94 -0.73
N SER A 241 -3.57 -29.51 -1.92
CA SER A 241 -4.54 -30.49 -2.45
C SER A 241 -4.56 -31.82 -1.71
N THR A 242 -3.56 -32.05 -0.85
CA THR A 242 -3.57 -33.15 0.09
C THR A 242 -4.22 -32.76 1.42
N LYS A 243 -4.78 -31.55 1.54
CA LYS A 243 -5.50 -31.15 2.75
C LYS A 243 -6.86 -30.61 2.32
N PRO A 244 -7.80 -31.52 1.99
CA PRO A 244 -9.17 -31.13 1.73
C PRO A 244 -9.68 -30.24 2.85
N GLY A 245 -10.65 -29.37 2.53
CA GLY A 245 -11.11 -28.39 3.50
C GLY A 245 -10.26 -27.11 3.45
N SER A 246 -9.17 -27.12 2.68
CA SER A 246 -8.40 -25.88 2.48
C SER A 246 -9.19 -24.96 1.58
N TYR A 247 -9.24 -23.67 1.91
CA TYR A 247 -10.06 -22.75 1.14
C TYR A 247 -9.53 -21.34 1.26
N ILE A 248 -9.94 -20.53 0.31
CA ILE A 248 -9.66 -19.11 0.30
C ILE A 248 -10.80 -18.46 -0.48
N PHE A 249 -10.95 -17.16 -0.31
CA PHE A 249 -12.03 -16.46 -0.95
C PHE A 249 -11.58 -15.09 -1.36
N ARG A 250 -12.32 -14.54 -2.32
CA ARG A 250 -12.02 -13.29 -2.95
C ARG A 250 -13.23 -12.80 -3.78
N LEU A 251 -13.07 -11.58 -4.23
CA LEU A 251 -14.00 -10.90 -5.11
CA LEU A 251 -14.04 -10.93 -5.09
C LEU A 251 -14.10 -11.63 -6.44
N SER A 252 -15.33 -12.00 -6.84
CA SER A 252 -15.57 -12.50 -8.19
C SER A 252 -15.24 -11.39 -9.18
N CYS A 253 -14.48 -11.72 -10.21
CA CYS A 253 -14.15 -10.78 -11.28
C CYS A 253 -15.31 -10.60 -12.28
N THR A 254 -16.01 -11.67 -12.66
CA THR A 254 -17.08 -11.55 -13.65
C THR A 254 -18.43 -11.29 -13.00
N ARG A 255 -18.48 -11.20 -11.69
CA ARG A 255 -19.76 -11.00 -10.96
C ARG A 255 -19.51 -10.10 -9.76
N LEU A 256 -19.11 -8.89 -10.12
CA LEU A 256 -18.63 -7.93 -9.18
C LEU A 256 -19.69 -7.68 -8.12
N GLY A 257 -19.26 -7.51 -6.89
CA GLY A 257 -20.13 -7.39 -5.76
C GLY A 257 -20.38 -8.69 -5.03
N GLN A 258 -19.90 -9.81 -5.58
CA GLN A 258 -20.03 -11.09 -4.92
C GLN A 258 -18.70 -11.81 -4.73
N TRP A 259 -18.71 -12.72 -3.77
CA TRP A 259 -17.51 -13.45 -3.49
C TRP A 259 -17.45 -14.75 -4.25
N ALA A 260 -16.20 -15.21 -4.50
CA ALA A 260 -15.91 -16.54 -5.06
C ALA A 260 -15.09 -17.32 -4.04
N ILE A 261 -15.63 -18.44 -3.55
CA ILE A 261 -14.91 -19.27 -2.59
C ILE A 261 -14.22 -20.44 -3.33
N GLY A 262 -12.92 -20.57 -3.15
CA GLY A 262 -12.16 -21.69 -3.66
C GLY A 262 -11.87 -22.70 -2.56
N TYR A 263 -12.08 -23.99 -2.83
CA TYR A 263 -11.80 -24.99 -1.81
C TYR A 263 -11.28 -26.28 -2.45
N VAL A 264 -10.50 -27.02 -1.68
CA VAL A 264 -10.05 -28.38 -2.02
C VAL A 264 -11.07 -29.44 -1.54
N THR A 265 -11.60 -30.21 -2.49
CA THR A 265 -12.60 -31.22 -2.19
C THR A 265 -11.91 -32.44 -1.65
N GLY A 266 -12.70 -33.34 -1.07
CA GLY A 266 -12.23 -34.58 -0.54
C GLY A 266 -11.45 -35.40 -1.54
N ASP A 267 -11.85 -35.34 -2.82
CA ASP A 267 -11.13 -36.07 -3.84
C ASP A 267 -10.00 -35.28 -4.51
N GLY A 268 -9.66 -34.12 -3.95
CA GLY A 268 -8.47 -33.38 -4.39
C GLY A 268 -8.68 -32.41 -5.53
N ASN A 269 -9.92 -32.24 -5.94
CA ASN A 269 -10.31 -31.18 -6.84
C ASN A 269 -10.41 -29.79 -6.15
N ILE A 270 -10.16 -28.76 -6.97
CA ILE A 270 -10.24 -27.35 -6.59
C ILE A 270 -11.46 -26.79 -7.28
N LEU A 271 -12.51 -26.55 -6.49
CA LEU A 271 -13.73 -25.96 -6.97
C LEU A 271 -13.84 -24.53 -6.45
N GLN A 272 -14.51 -23.69 -7.21
CA GLN A 272 -14.84 -22.34 -6.79
C GLN A 272 -16.35 -22.08 -6.91
N THR A 273 -16.89 -21.40 -5.90
CA THR A 273 -18.32 -21.23 -5.82
C THR A 273 -18.67 -19.84 -5.37
N ILE A 274 -19.82 -19.37 -5.81
CA ILE A 274 -20.25 -18.01 -5.54
C ILE A 274 -21.53 -18.03 -4.74
N PRO A 275 -21.48 -17.55 -3.51
CA PRO A 275 -22.70 -17.35 -2.72
C PRO A 275 -23.63 -16.34 -3.39
N HIS A 276 -24.95 -16.57 -3.35
CA HIS A 276 -25.89 -15.59 -3.91
C HIS A 276 -26.86 -14.94 -2.92
N ASN A 277 -27.72 -15.75 -2.29
CA ASN A 277 -28.58 -15.21 -1.21
C ASN A 277 -27.78 -15.08 0.09
N LYS A 278 -27.26 -16.22 0.55
CA LYS A 278 -26.36 -16.30 1.72
C LYS A 278 -25.25 -15.29 1.68
N PRO A 279 -25.12 -14.49 2.74
CA PRO A 279 -23.94 -13.63 2.89
C PRO A 279 -22.68 -14.45 3.17
N LEU A 280 -21.51 -13.86 2.92
CA LEU A 280 -20.27 -14.61 3.03
C LEU A 280 -20.12 -15.35 4.36
N PHE A 281 -20.42 -14.68 5.48
CA PHE A 281 -20.16 -15.26 6.79
C PHE A 281 -20.95 -16.55 7.00
N GLN A 282 -22.20 -16.59 6.55
CA GLN A 282 -23.02 -17.81 6.72
C GLN A 282 -22.46 -18.92 5.84
N ALA A 283 -22.04 -18.54 4.63
CA ALA A 283 -21.45 -19.50 3.74
C ALA A 283 -20.24 -20.12 4.41
N LEU A 284 -19.38 -19.30 5.04
CA LEU A 284 -18.20 -19.82 5.74
C LEU A 284 -18.55 -20.64 7.01
N ILE A 285 -19.58 -20.25 7.73
CA ILE A 285 -20.03 -21.04 8.88
C ILE A 285 -20.58 -22.36 8.38
N ASP A 286 -21.44 -22.29 7.36
CA ASP A 286 -22.10 -23.49 6.83
C ASP A 286 -21.03 -24.44 6.32
N GLY A 287 -20.18 -23.94 5.44
CA GLY A 287 -19.08 -24.76 4.95
C GLY A 287 -18.19 -25.36 6.03
N SER A 288 -17.90 -24.59 7.05
CA SER A 288 -16.99 -25.09 8.07
C SER A 288 -17.61 -26.29 8.76
N ARG A 289 -18.88 -26.18 9.02
CA ARG A 289 -19.56 -27.16 9.80
C ARG A 289 -19.78 -28.43 9.02
N GLU A 290 -19.62 -28.38 7.70
CA GLU A 290 -19.84 -29.58 6.91
C GLU A 290 -18.55 -30.10 6.29
N GLY A 291 -17.45 -29.50 6.73
CA GLY A 291 -16.13 -29.98 6.39
C GLY A 291 -15.55 -29.45 5.09
N PHE A 292 -16.25 -28.55 4.40
CA PHE A 292 -15.68 -28.01 3.13
C PHE A 292 -14.73 -26.87 3.35
N TYR A 293 -15.00 -26.00 4.33
CA TYR A 293 -14.17 -24.79 4.56
C TYR A 293 -13.55 -24.86 5.95
N LEU A 294 -12.48 -25.61 6.08
CA LEU A 294 -11.85 -25.85 7.39
C LEU A 294 -10.51 -25.17 7.60
N TYR A 295 -9.71 -24.99 6.52
CA TYR A 295 -8.32 -24.56 6.65
C TYR A 295 -7.98 -23.34 5.73
N PRO A 296 -8.15 -22.11 6.25
CA PRO A 296 -8.05 -20.98 5.39
C PRO A 296 -6.64 -20.84 4.92
N ASP A 297 -6.45 -20.84 3.61
CA ASP A 297 -5.15 -20.73 3.02
C ASP A 297 -4.25 -21.85 3.56
N GLY A 298 -4.84 -23.01 3.83
CA GLY A 298 -4.10 -24.21 4.23
C GLY A 298 -3.73 -24.23 5.69
N ARG A 299 -4.14 -23.22 6.45
CA ARG A 299 -3.67 -23.08 7.80
C ARG A 299 -4.63 -23.80 8.78
N SER A 300 -4.12 -24.14 9.96
CA SER A 300 -4.91 -24.80 11.01
C SER A 300 -6.00 -23.94 11.68
N TYR A 301 -5.67 -22.70 12.00
CA TYR A 301 -6.59 -21.86 12.76
C TYR A 301 -7.63 -21.30 11.82
N ASN A 302 -8.89 -21.60 12.07
CA ASN A 302 -9.98 -21.05 11.27
C ASN A 302 -10.83 -20.09 12.10
N PRO A 303 -10.85 -18.79 11.73
CA PRO A 303 -11.55 -17.83 12.58
C PRO A 303 -13.03 -18.19 12.80
N ASP A 304 -13.46 -18.08 14.04
CA ASP A 304 -14.87 -18.18 14.39
C ASP A 304 -15.60 -16.93 13.90
N LEU A 305 -16.56 -17.13 12.97
CA LEU A 305 -17.36 -16.04 12.42
C LEU A 305 -18.78 -15.98 12.95
N THR A 306 -19.15 -16.92 13.84
CA THR A 306 -20.49 -16.93 14.46
C THR A 306 -20.95 -15.61 15.09
N GLY A 307 -20.02 -14.79 15.58
CA GLY A 307 -20.35 -13.50 16.21
C GLY A 307 -20.92 -12.46 15.26
N LEU A 308 -20.73 -12.66 13.96
CA LEU A 308 -21.28 -11.77 12.96
C LEU A 308 -22.76 -12.08 12.65
N ALA A 309 -23.32 -13.17 13.19
CA ALA A 309 -24.79 -13.34 13.28
C ALA A 309 -25.34 -12.76 14.59
N ALA B 4 25.03 -4.77 -15.23
CA ALA B 4 23.91 -4.21 -14.42
C ALA B 4 24.25 -2.83 -13.83
N ALA B 5 24.94 -2.80 -12.68
CA ALA B 5 25.11 -1.57 -11.89
C ALA B 5 26.43 -0.84 -12.12
N ASP B 6 26.79 -0.67 -13.40
CA ASP B 6 28.10 -0.14 -13.80
C ASP B 6 28.13 1.39 -13.83
N ARG B 7 29.23 1.98 -14.31
CA ARG B 7 29.34 3.44 -14.34
C ARG B 7 28.17 4.08 -15.06
N ARG B 8 27.85 3.56 -16.24
CA ARG B 8 26.74 4.10 -17.05
C ARG B 8 25.38 4.19 -16.33
N THR B 9 24.93 3.07 -15.75
CA THR B 9 23.64 3.03 -15.06
C THR B 9 23.62 4.01 -13.89
N VAL B 10 24.77 4.17 -13.24
CA VAL B 10 24.94 5.07 -12.11
C VAL B 10 24.90 6.54 -12.54
N GLU B 11 25.51 6.85 -13.68
CA GLU B 11 25.56 8.23 -14.16
C GLU B 11 24.18 8.81 -14.51
N LYS B 12 23.30 8.02 -15.10
CA LYS B 12 21.96 8.53 -15.45
C LYS B 12 21.10 8.77 -14.20
N THR B 13 21.39 8.06 -13.12
CA THR B 13 20.74 8.34 -11.85
C THR B 13 21.03 9.78 -11.37
N TRP B 14 22.26 10.27 -11.59
CA TRP B 14 22.61 11.64 -11.21
C TRP B 14 21.85 12.70 -12.02
N LYS B 15 21.62 12.41 -13.29
CA LYS B 15 20.93 13.33 -14.18
C LYS B 15 19.51 13.50 -13.70
N LEU B 16 18.88 12.38 -13.39
CA LEU B 16 17.52 12.39 -12.91
C LEU B 16 17.47 13.16 -11.58
N MET B 17 18.40 12.86 -10.67
CA MET B 17 18.50 13.55 -9.37
C MET B 17 18.69 15.04 -9.54
N ASP B 18 19.61 15.40 -10.44
CA ASP B 18 19.92 16.80 -10.71
C ASP B 18 18.68 17.52 -11.23
N LYS B 19 17.90 16.86 -12.08
CA LYS B 19 16.63 17.41 -12.52
C LYS B 19 15.67 17.63 -11.32
N VAL B 20 15.49 16.61 -10.48
CA VAL B 20 14.61 16.76 -9.30
C VAL B 20 15.03 17.97 -8.48
N VAL B 21 16.33 18.06 -8.18
CA VAL B 21 16.92 19.18 -7.43
C VAL B 21 16.64 20.51 -8.09
N ARG B 22 17.05 20.63 -9.35
CA ARG B 22 16.81 21.82 -10.17
C ARG B 22 15.32 22.19 -10.06
N LEU B 23 14.53 21.16 -10.01
CA LEU B 23 13.10 21.28 -10.10
C LEU B 23 12.50 21.60 -8.73
N CYS B 24 13.13 21.10 -7.68
CA CYS B 24 12.78 21.45 -6.31
C CYS B 24 13.42 22.75 -5.83
N GLN B 25 14.24 23.38 -6.67
CA GLN B 25 14.83 24.69 -6.37
C GLN B 25 13.89 25.84 -6.71
N ASN B 26 12.82 25.55 -7.45
CA ASN B 26 11.79 26.53 -7.81
C ASN B 26 11.18 27.24 -6.59
N PRO B 27 11.52 28.53 -6.40
CA PRO B 27 11.06 29.27 -5.20
C PRO B 27 9.54 29.23 -4.98
N LYS B 28 8.77 29.13 -6.07
CA LYS B 28 7.31 29.06 -6.00
C LYS B 28 6.80 27.99 -5.04
N LEU B 29 7.60 26.93 -4.84
CA LEU B 29 7.29 25.91 -3.87
C LEU B 29 7.02 26.47 -2.47
N GLN B 30 7.85 27.41 -2.01
CA GLN B 30 7.81 27.85 -0.61
C GLN B 30 8.26 26.68 0.25
N LEU B 31 9.53 26.28 0.05
CA LEU B 31 10.09 25.06 0.64
C LEU B 31 11.03 25.37 1.82
N LYS B 32 11.00 24.48 2.82
CA LYS B 32 11.55 24.73 4.15
C LYS B 32 12.82 23.92 4.46
N ASN B 33 13.91 24.63 4.83
CA ASN B 33 15.15 24.00 5.25
C ASN B 33 14.95 23.34 6.61
N SER B 34 14.50 22.09 6.55
CA SER B 34 14.13 21.33 7.73
C SER B 34 14.14 19.88 7.34
N PRO B 35 14.84 19.03 8.10
CA PRO B 35 14.89 17.63 7.68
C PRO B 35 13.49 16.99 7.61
N PRO B 36 13.19 16.25 6.53
CA PRO B 36 14.04 15.94 5.39
C PRO B 36 13.96 16.99 4.29
N TYR B 37 15.11 17.58 3.96
CA TYR B 37 15.18 18.72 3.02
C TYR B 37 15.78 18.17 1.76
N ILE B 38 14.99 18.11 0.70
CA ILE B 38 15.39 17.45 -0.55
C ILE B 38 16.58 18.14 -1.24
N LEU B 39 16.74 19.46 -1.03
CA LEU B 39 17.84 20.21 -1.67
C LEU B 39 19.19 19.92 -1.01
N ASP B 40 19.17 19.39 0.21
CA ASP B 40 20.41 18.89 0.84
C ASP B 40 20.60 17.40 0.50
N ILE B 41 19.52 16.63 0.53
CA ILE B 41 19.60 15.17 0.45
C ILE B 41 20.02 14.60 -0.89
N LEU B 42 19.48 15.12 -1.99
CA LEU B 42 19.84 14.65 -3.32
C LEU B 42 21.29 14.97 -3.77
N PRO B 43 21.81 16.16 -3.44
CA PRO B 43 23.22 16.46 -3.63
C PRO B 43 24.15 15.72 -2.68
N ASP B 44 23.75 15.59 -1.41
CA ASP B 44 24.52 14.75 -0.47
C ASP B 44 24.59 13.28 -0.90
N THR B 45 23.57 12.83 -1.65
CA THR B 45 23.45 11.45 -2.15
C THR B 45 24.32 11.24 -3.37
N TYR B 46 24.28 12.18 -4.29
CA TYR B 46 25.23 12.25 -5.40
C TYR B 46 26.68 12.26 -4.88
N GLN B 47 26.92 12.96 -3.78
CA GLN B 47 28.28 13.10 -3.25
C GLN B 47 28.77 11.82 -2.63
N HIS B 48 27.89 11.12 -1.93
CA HIS B 48 28.30 9.84 -1.36
C HIS B 48 28.43 8.81 -2.45
N LEU B 49 27.72 9.05 -3.56
CA LEU B 49 27.88 8.23 -4.75
C LEU B 49 29.23 8.55 -5.41
N ARG B 50 29.57 9.83 -5.50
CA ARG B 50 30.92 10.25 -5.87
C ARG B 50 31.97 9.53 -5.02
N LEU B 51 31.76 9.56 -3.70
CA LEU B 51 32.67 8.95 -2.74
C LEU B 51 32.83 7.44 -2.95
N ILE B 52 31.74 6.79 -3.38
CA ILE B 52 31.78 5.37 -3.67
C ILE B 52 32.58 5.06 -4.94
N LEU B 53 32.26 5.75 -6.03
CA LEU B 53 32.95 5.53 -7.31
C LEU B 53 34.44 5.78 -7.19
N SER B 54 34.81 6.83 -6.46
CA SER B 54 36.21 7.18 -6.23
C SER B 54 36.95 6.15 -5.35
N LYS B 55 36.23 5.53 -4.43
CA LYS B 55 36.80 4.44 -3.61
C LYS B 55 36.93 3.13 -4.39
N TYR B 56 36.25 3.03 -5.54
CA TYR B 56 36.39 1.86 -6.42
C TYR B 56 37.10 2.20 -7.76
N ASP B 57 38.34 2.64 -7.61
CA ASP B 57 39.16 3.22 -8.68
C ASP B 57 39.71 2.22 -9.72
N ASP B 58 39.82 0.94 -9.35
CA ASP B 58 40.30 -0.12 -10.26
C ASP B 58 39.20 -0.61 -11.23
N ASN B 59 39.58 -1.54 -12.11
CA ASN B 59 38.64 -2.19 -13.04
C ASN B 59 37.86 -3.33 -12.35
N GLN B 60 38.58 -4.15 -11.58
CA GLN B 60 38.00 -5.27 -10.84
C GLN B 60 37.10 -4.76 -9.73
N LYS B 61 37.55 -3.69 -9.07
CA LYS B 61 36.73 -2.99 -8.09
C LYS B 61 35.40 -2.60 -8.73
N LEU B 62 35.45 -1.73 -9.74
CA LEU B 62 34.24 -1.24 -10.42
C LEU B 62 33.34 -2.39 -10.92
N ALA B 63 33.96 -3.38 -11.55
CA ALA B 63 33.23 -4.59 -11.98
C ALA B 63 32.54 -5.27 -10.78
N GLN B 64 33.29 -5.40 -9.68
CA GLN B 64 32.76 -6.02 -8.47
C GLN B 64 31.53 -5.24 -7.92
N LEU B 65 31.64 -3.90 -7.95
CA LEU B 65 30.56 -3.01 -7.58
C LEU B 65 29.34 -3.23 -8.46
N SER B 66 29.56 -3.37 -9.75
CA SER B 66 28.45 -3.56 -10.68
C SER B 66 27.69 -4.85 -10.38
N GLU B 67 28.38 -5.85 -9.79
CA GLU B 67 27.73 -7.10 -9.37
C GLU B 67 27.25 -7.12 -7.93
N ASN B 68 27.50 -6.05 -7.16
CA ASN B 68 27.07 -6.00 -5.75
C ASN B 68 25.56 -5.83 -5.64
N GLU B 69 24.90 -6.86 -5.12
CA GLU B 69 23.46 -6.93 -5.17
C GLU B 69 22.77 -5.73 -4.49
N TYR B 70 23.23 -5.33 -3.31
CA TYR B 70 22.60 -4.18 -2.66
C TYR B 70 22.74 -2.92 -3.51
N PHE B 71 23.92 -2.71 -4.08
CA PHE B 71 24.15 -1.53 -4.91
C PHE B 71 23.27 -1.53 -6.16
N LYS B 72 23.04 -2.69 -6.74
CA LYS B 72 22.18 -2.81 -7.93
C LYS B 72 20.77 -2.38 -7.58
N ILE B 73 20.29 -2.92 -6.48
CA ILE B 73 18.96 -2.57 -6.01
C ILE B 73 18.90 -1.07 -5.72
N TYR B 74 19.93 -0.55 -5.05
CA TYR B 74 19.94 0.86 -4.65
C TYR B 74 19.85 1.78 -5.85
N ILE B 75 20.73 1.56 -6.83
CA ILE B 75 20.84 2.46 -7.99
C ILE B 75 19.55 2.41 -8.76
N ASP B 76 18.97 1.21 -8.91
CA ASP B 76 17.61 1.06 -9.48
C ASP B 76 16.56 1.87 -8.73
N SER B 77 16.47 1.64 -7.40
CA SER B 77 15.46 2.30 -6.58
C SER B 77 15.50 3.81 -6.82
N LEU B 78 16.73 4.28 -6.86
CA LEU B 78 17.02 5.67 -6.90
C LEU B 78 16.64 6.26 -8.24
N MET B 79 16.85 5.48 -9.29
CA MET B 79 16.35 5.82 -10.62
C MET B 79 14.84 5.84 -10.58
N LYS B 80 14.27 4.73 -10.12
CA LYS B 80 12.82 4.59 -10.03
C LYS B 80 12.25 5.81 -9.31
N LYS B 81 12.80 6.10 -8.13
CA LYS B 81 12.25 7.18 -7.28
C LYS B 81 12.48 8.58 -7.84
N SER B 82 13.60 8.76 -8.54
CA SER B 82 13.88 10.01 -9.19
C SER B 82 12.92 10.17 -10.36
N LYS B 83 12.72 9.08 -11.10
CA LYS B 83 11.72 9.08 -12.17
C LYS B 83 10.35 9.42 -11.64
N ARG B 84 10.02 8.86 -10.49
CA ARG B 84 8.70 9.05 -9.88
C ARG B 84 8.47 10.51 -9.54
N ALA B 85 9.47 11.15 -8.92
CA ALA B 85 9.41 12.55 -8.55
C ALA B 85 9.19 13.45 -9.76
N ILE B 86 9.93 13.19 -10.84
CA ILE B 86 9.77 13.94 -12.10
C ILE B 86 8.33 13.81 -12.62
N ARG B 87 7.81 12.58 -12.69
CA ARG B 87 6.43 12.33 -13.13
C ARG B 87 5.42 13.11 -12.30
N LEU B 88 5.71 13.25 -11.01
CA LEU B 88 4.80 13.91 -10.08
C LEU B 88 4.74 15.41 -10.36
N PHE B 89 5.87 15.97 -10.80
CA PHE B 89 5.95 17.38 -11.24
C PHE B 89 5.30 17.58 -12.63
N LYS B 90 5.40 16.58 -13.49
CA LYS B 90 4.71 16.59 -14.78
C LYS B 90 3.19 16.44 -14.62
N GLU B 91 2.75 15.52 -13.77
CA GLU B 91 1.32 15.27 -13.53
C GLU B 91 0.68 16.35 -12.66
N GLY B 92 1.42 16.85 -11.67
CA GLY B 92 0.90 17.83 -10.72
C GLY B 92 0.81 19.25 -11.26
N LYS B 93 1.92 19.72 -11.85
CA LYS B 93 2.04 21.09 -12.40
C LYS B 93 1.81 22.19 -11.34
N GLU B 94 0.64 22.86 -11.39
CA GLU B 94 0.36 23.98 -10.52
CA GLU B 94 0.37 23.99 -10.51
C GLU B 94 0.06 23.49 -9.11
N ARG B 95 -0.49 22.29 -9.03
CA ARG B 95 -0.79 21.64 -7.74
C ARG B 95 0.46 21.44 -6.88
N MET B 96 1.64 21.53 -7.51
CA MET B 96 2.90 21.37 -6.78
C MET B 96 3.30 22.65 -6.02
N TYR B 97 2.59 23.75 -6.23
CA TYR B 97 2.86 24.96 -5.44
C TYR B 97 1.87 25.09 -4.28
N GLU B 98 0.68 24.51 -4.44
CA GLU B 98 -0.27 24.38 -3.34
C GLU B 98 0.30 23.57 -2.16
N GLU B 99 0.55 24.24 -1.04
CA GLU B 99 1.07 23.61 0.19
C GLU B 99 0.28 22.37 0.61
N GLN B 100 -1.03 22.42 0.43
CA GLN B 100 -1.90 21.40 0.97
C GLN B 100 -2.32 20.34 -0.05
N SER B 101 -1.77 20.36 -1.26
CA SER B 101 -2.17 19.39 -2.28
C SER B 101 -1.60 17.99 -1.99
N GLN B 102 -2.25 16.99 -2.58
CA GLN B 102 -1.83 15.60 -2.43
C GLN B 102 -0.52 15.37 -3.18
N ASP B 103 -0.34 16.13 -4.26
CA ASP B 103 0.84 15.99 -5.09
C ASP B 103 2.06 16.36 -4.29
N ARG B 104 1.88 17.39 -3.50
CA ARG B 104 2.91 17.92 -2.68
C ARG B 104 3.20 16.99 -1.48
N ARG B 105 2.15 16.52 -0.81
CA ARG B 105 2.31 15.49 0.21
C ARG B 105 3.11 14.31 -0.32
N ASN B 106 2.83 13.90 -1.56
CA ASN B 106 3.59 12.86 -2.22
C ASN B 106 5.06 13.20 -2.33
N LEU B 107 5.38 14.47 -2.52
CA LEU B 107 6.77 14.91 -2.61
C LEU B 107 7.43 14.82 -1.24
N THR B 108 6.71 15.24 -0.19
CA THR B 108 7.21 15.10 1.18
C THR B 108 7.56 13.62 1.43
N LYS B 109 6.63 12.75 1.12
CA LYS B 109 6.85 11.31 1.25
C LYS B 109 8.14 10.88 0.54
N LEU B 110 8.30 11.29 -0.72
CA LEU B 110 9.52 10.99 -1.48
C LEU B 110 10.79 11.55 -0.81
N SER B 111 10.73 12.79 -0.35
CA SER B 111 11.84 13.38 0.43
C SER B 111 12.16 12.50 1.63
N LEU B 112 11.13 12.02 2.30
CA LEU B 112 11.34 11.08 3.40
C LEU B 112 12.00 9.81 2.91
N ILE B 113 11.46 9.22 1.85
CA ILE B 113 12.16 8.08 1.23
C ILE B 113 13.65 8.36 0.87
N PHE B 114 13.96 9.52 0.30
CA PHE B 114 15.39 9.81 -0.10
C PHE B 114 16.26 9.95 1.12
N SER B 115 15.74 10.57 2.17
CA SER B 115 16.46 10.65 3.43
C SER B 115 16.76 9.29 4.03
N HIS B 116 15.82 8.36 3.97
CA HIS B 116 16.10 7.03 4.54
C HIS B 116 17.12 6.33 3.66
N MET B 117 17.01 6.51 2.35
CA MET B 117 17.97 5.90 1.41
C MET B 117 19.36 6.45 1.65
N LEU B 118 19.45 7.76 1.86
CA LEU B 118 20.72 8.41 2.05
C LEU B 118 21.43 7.82 3.24
N ALA B 119 20.71 7.78 4.36
CA ALA B 119 21.25 7.26 5.60
C ALA B 119 21.55 5.77 5.48
N GLU B 120 20.74 5.06 4.69
CA GLU B 120 21.00 3.63 4.47
C GLU B 120 22.33 3.41 3.76
N ILE B 121 22.61 4.19 2.71
CA ILE B 121 23.85 4.04 1.94
C ILE B 121 25.06 4.38 2.83
N LYS B 122 24.93 5.37 3.71
CA LYS B 122 26.02 5.76 4.57
C LYS B 122 26.29 4.71 5.63
N ALA B 123 25.30 3.87 5.88
CA ALA B 123 25.44 2.75 6.82
C ALA B 123 26.02 1.51 6.16
N ILE B 124 25.71 1.32 4.88
CA ILE B 124 26.10 0.11 4.11
C ILE B 124 27.39 0.33 3.31
N PHE B 125 27.63 1.59 2.94
CA PHE B 125 28.91 2.03 2.34
C PHE B 125 29.52 3.17 3.18
N PRO B 126 29.92 2.90 4.45
CA PRO B 126 30.55 3.99 5.20
C PRO B 126 31.86 4.41 4.53
N ASN B 127 32.05 5.73 4.36
CA ASN B 127 33.20 6.30 3.66
C ASN B 127 33.30 5.90 2.19
N GLY B 128 32.22 5.37 1.63
CA GLY B 128 32.23 4.89 0.26
C GLY B 128 32.56 3.43 0.10
N GLN B 129 32.97 2.77 1.19
CA GLN B 129 33.42 1.39 1.14
C GLN B 129 32.32 0.45 1.66
N PHE B 130 31.84 -0.45 0.79
CA PHE B 130 30.83 -1.42 1.16
C PHE B 130 31.22 -2.16 2.44
N GLN B 131 30.33 -2.22 3.41
CA GLN B 131 30.55 -3.02 4.63
C GLN B 131 29.27 -3.73 5.06
N GLY B 132 28.41 -4.07 4.09
CA GLY B 132 27.06 -4.59 4.36
C GLY B 132 27.04 -5.91 5.11
N ASP B 133 27.90 -6.84 4.68
CA ASP B 133 28.12 -8.12 5.38
C ASP B 133 28.66 -7.96 6.79
N ASN B 134 29.17 -6.76 7.09
CA ASN B 134 29.71 -6.44 8.41
C ASN B 134 28.81 -5.56 9.23
N PHE B 135 27.57 -5.40 8.79
CA PHE B 135 26.61 -4.62 9.54
C PHE B 135 26.27 -5.37 10.79
N ARG B 136 26.15 -4.59 11.85
CA ARG B 136 25.96 -5.15 13.17
CA ARG B 136 26.02 -5.04 13.21
C ARG B 136 24.61 -4.68 13.71
N ILE B 137 23.65 -5.61 13.63
CA ILE B 137 22.30 -5.32 14.06
C ILE B 137 22.31 -5.03 15.56
N THR B 138 21.54 -4.02 15.96
CA THR B 138 21.54 -3.52 17.32
C THR B 138 21.01 -4.46 18.42
N LYS B 139 19.88 -5.11 18.18
CA LYS B 139 19.31 -6.03 19.18
C LYS B 139 19.72 -7.48 18.93
N ALA B 140 20.12 -8.16 20.00
CA ALA B 140 20.79 -9.46 19.90
C ALA B 140 19.82 -10.52 19.39
N ASP B 141 18.58 -10.50 19.87
CA ASP B 141 17.55 -11.44 19.39
C ASP B 141 17.27 -11.27 17.90
N ALA B 142 17.08 -10.03 17.48
CA ALA B 142 16.82 -9.76 16.08
C ALA B 142 18.03 -10.20 15.30
N ALA B 143 19.19 -9.70 15.71
CA ALA B 143 20.52 -10.10 15.16
C ALA B 143 20.65 -11.59 14.89
N GLU B 144 20.42 -12.35 15.93
CA GLU B 144 20.39 -13.82 15.80
C GLU B 144 19.40 -14.26 14.74
N PHE B 145 18.23 -13.60 14.65
CA PHE B 145 17.24 -14.00 13.64
C PHE B 145 17.72 -13.75 12.23
N TRP B 146 18.33 -12.58 11.99
CA TRP B 146 18.77 -12.23 10.63
C TRP B 146 19.89 -13.18 10.18
N ARG B 147 20.72 -13.49 11.14
CA ARG B 147 21.80 -14.42 11.00
C ARG B 147 21.35 -15.81 10.58
N LYS B 148 20.51 -16.42 11.42
CA LYS B 148 20.02 -17.79 11.22
C LYS B 148 19.42 -18.02 9.84
N PHE B 149 18.67 -17.04 9.32
CA PHE B 149 17.99 -17.19 8.03
C PHE B 149 18.74 -16.59 6.84
N PHE B 150 19.48 -15.50 7.05
CA PHE B 150 20.12 -14.75 5.95
C PHE B 150 21.65 -14.57 6.07
N GLY B 151 22.23 -15.12 7.13
CA GLY B 151 23.67 -15.00 7.36
C GLY B 151 24.15 -13.57 7.28
N ASP B 152 24.89 -13.24 6.24
CA ASP B 152 25.45 -11.89 6.08
C ASP B 152 24.96 -11.12 4.84
N LYS B 153 23.79 -11.49 4.35
CA LYS B 153 23.17 -10.75 3.31
C LYS B 153 22.94 -9.31 3.81
N THR B 154 23.02 -8.36 2.92
CA THR B 154 22.70 -6.99 3.24
C THR B 154 21.22 -6.70 3.01
N ILE B 155 20.58 -7.51 2.18
CA ILE B 155 19.29 -7.18 1.63
C ILE B 155 18.63 -8.45 1.14
N VAL B 156 17.31 -8.50 1.30
CA VAL B 156 16.52 -9.70 1.07
C VAL B 156 15.16 -9.29 0.47
N PRO B 157 14.60 -10.11 -0.45
CA PRO B 157 13.31 -9.74 -1.00
C PRO B 157 12.21 -9.88 0.03
N TRP B 158 11.24 -8.98 -0.03
CA TRP B 158 10.14 -8.99 0.94
C TRP B 158 9.59 -10.39 1.15
N LYS B 159 9.16 -11.07 0.08
CA LYS B 159 8.51 -12.38 0.22
C LYS B 159 9.31 -13.33 1.12
N VAL B 160 10.61 -13.37 0.88
CA VAL B 160 11.53 -14.26 1.59
C VAL B 160 11.64 -13.80 3.05
N PHE B 161 11.66 -12.49 3.24
CA PHE B 161 11.75 -11.98 4.57
C PHE B 161 10.52 -12.42 5.30
N ARG B 162 9.39 -12.21 4.66
CA ARG B 162 8.12 -12.48 5.25
C ARG B 162 7.97 -13.97 5.58
N GLN B 163 8.34 -14.83 4.65
CA GLN B 163 8.29 -16.28 4.90
C GLN B 163 9.13 -16.70 6.12
N CYS B 164 10.33 -16.14 6.25
CA CYS B 164 11.19 -16.48 7.36
C CYS B 164 10.68 -15.86 8.68
N LEU B 165 10.24 -14.60 8.65
CA LEU B 165 9.75 -13.97 9.87
C LEU B 165 8.60 -14.79 10.42
N HIS B 166 7.72 -15.18 9.52
CA HIS B 166 6.53 -15.95 9.84
C HIS B 166 6.76 -17.29 10.55
N GLU B 167 7.91 -17.92 10.30
CA GLU B 167 8.27 -19.17 11.01
C GLU B 167 8.57 -18.93 12.50
N VAL B 168 8.86 -17.69 12.85
CA VAL B 168 9.17 -17.32 14.21
C VAL B 168 7.99 -16.60 14.88
N HIS B 169 7.55 -15.52 14.23
CA HIS B 169 6.43 -14.73 14.72
C HIS B 169 5.35 -14.77 13.63
N GLN B 170 4.26 -15.47 13.91
CA GLN B 170 3.23 -15.67 12.88
C GLN B 170 2.42 -14.44 12.46
N ILE B 171 2.29 -14.26 11.15
CA ILE B 171 1.46 -13.23 10.55
C ILE B 171 0.03 -13.77 10.33
N SER B 172 -0.99 -13.04 10.85
CA SER B 172 -2.34 -13.55 10.86
C SER B 172 -3.00 -13.60 9.46
N SER B 173 -2.68 -12.64 8.57
CA SER B 173 -3.44 -12.50 7.31
C SER B 173 -2.71 -11.68 6.28
N GLY B 174 -3.26 -11.65 5.06
CA GLY B 174 -2.67 -10.89 3.94
C GLY B 174 -2.58 -9.39 4.20
N LEU B 175 -3.67 -8.81 4.67
CA LEU B 175 -3.65 -7.39 4.99
C LEU B 175 -2.66 -7.05 6.12
N GLU B 176 -2.51 -7.93 7.12
CA GLU B 176 -1.48 -7.73 8.15
C GLU B 176 -0.11 -7.80 7.49
N ALA B 177 0.13 -8.75 6.60
CA ALA B 177 1.41 -8.78 5.87
C ALA B 177 1.70 -7.50 5.12
N MET B 178 0.65 -6.94 4.49
CA MET B 178 0.76 -5.68 3.74
C MET B 178 1.06 -4.48 4.64
N ALA B 179 0.39 -4.45 5.78
CA ALA B 179 0.60 -3.41 6.77
C ALA B 179 2.04 -3.53 7.33
N LEU B 180 2.49 -4.77 7.48
CA LEU B 180 3.86 -4.99 7.95
C LEU B 180 4.89 -4.50 6.92
N LYS B 181 4.74 -4.94 5.69
CA LYS B 181 5.69 -4.53 4.65
C LYS B 181 5.75 -3.03 4.60
N SER B 182 4.59 -2.40 4.64
CA SER B 182 4.54 -0.95 4.62
C SER B 182 5.34 -0.27 5.77
N THR B 183 5.36 -0.88 6.94
CA THR B 183 6.12 -0.40 8.10
C THR B 183 7.62 -0.66 7.99
N ILE B 184 8.00 -1.87 7.59
CA ILE B 184 9.43 -2.22 7.49
C ILE B 184 10.11 -1.66 6.26
N ASP B 185 9.43 -1.63 5.12
CA ASP B 185 10.06 -1.26 3.84
C ASP B 185 10.08 0.24 3.74
N LEU B 186 10.90 0.85 4.58
CA LEU B 186 11.04 2.31 4.60
C LEU B 186 11.53 2.97 3.28
N THR B 187 12.36 2.27 2.52
CA THR B 187 12.83 2.84 1.26
C THR B 187 11.83 2.53 0.11
N CYS B 188 10.76 1.77 0.39
CA CYS B 188 9.70 1.48 -0.58
C CYS B 188 10.26 0.88 -1.92
N ASN B 189 11.12 -0.13 -1.77
CA ASN B 189 11.71 -0.80 -2.94
C ASN B 189 11.39 -2.30 -3.00
N ASP B 190 10.42 -2.73 -2.16
CA ASP B 190 9.97 -4.13 -2.05
C ASP B 190 11.05 -5.12 -1.55
N TYR B 191 12.13 -4.61 -0.97
CA TYR B 191 13.16 -5.43 -0.36
C TYR B 191 13.33 -4.95 1.08
N ILE B 192 13.87 -5.81 1.94
CA ILE B 192 14.20 -5.37 3.31
C ILE B 192 15.71 -5.48 3.46
N SER B 193 16.39 -4.35 3.73
CA SER B 193 17.82 -4.36 4.00
C SER B 193 18.06 -4.59 5.49
N VAL B 194 19.24 -5.08 5.85
CA VAL B 194 19.64 -5.30 7.25
C VAL B 194 19.44 -4.01 8.05
N PHE B 195 19.58 -2.88 7.36
CA PHE B 195 19.46 -1.58 7.99
C PHE B 195 17.99 -1.34 8.29
N GLU B 196 17.14 -1.40 7.28
CA GLU B 196 15.71 -1.32 7.53
C GLU B 196 15.30 -2.27 8.66
N PHE B 197 15.79 -3.51 8.63
CA PHE B 197 15.49 -4.47 9.71
C PHE B 197 15.98 -4.00 11.09
N ASP B 198 17.18 -3.39 11.14
CA ASP B 198 17.73 -2.88 12.38
C ASP B 198 16.79 -1.80 12.94
N ILE B 199 16.30 -0.93 12.06
CA ILE B 199 15.32 0.08 12.43
C ILE B 199 14.04 -0.47 13.02
N PHE B 200 13.40 -1.34 12.28
CA PHE B 200 12.14 -1.97 12.70
C PHE B 200 12.24 -2.66 14.03
N THR B 201 13.30 -3.40 14.24
CA THR B 201 13.47 -4.17 15.48
C THR B 201 13.87 -3.27 16.60
N ARG B 202 14.45 -2.12 16.30
CA ARG B 202 14.65 -1.15 17.40
C ARG B 202 13.30 -0.50 17.77
N LEU B 203 12.55 -0.05 16.77
CA LEU B 203 11.29 0.65 17.03
C LEU B 203 10.25 -0.19 17.81
N PHE B 204 10.16 -1.50 17.50
CA PHE B 204 9.09 -2.35 18.06
C PHE B 204 9.60 -3.47 18.97
N GLN B 205 10.76 -3.25 19.56
CA GLN B 205 11.32 -4.11 20.58
C GLN B 205 10.40 -4.25 21.77
N PRO B 206 10.46 -5.39 22.47
CA PRO B 206 11.37 -6.54 22.32
C PRO B 206 11.05 -7.50 21.21
N TRP B 207 12.09 -8.15 20.70
CA TRP B 207 11.94 -9.12 19.63
C TRP B 207 10.92 -10.21 19.97
N GLY B 208 10.91 -10.63 21.24
CA GLY B 208 10.05 -11.73 21.72
C GLY B 208 8.57 -11.56 21.49
N SER B 209 8.10 -10.32 21.57
CA SER B 209 6.71 -9.98 21.31
C SER B 209 6.55 -8.97 20.15
N ILE B 210 7.44 -9.06 19.16
CA ILE B 210 7.61 -7.94 18.21
C ILE B 210 6.36 -7.63 17.42
N LEU B 211 5.67 -8.61 16.89
CA LEU B 211 4.47 -8.33 16.11
C LEU B 211 3.32 -7.86 16.98
N ARG B 212 3.32 -8.30 18.23
CA ARG B 212 2.28 -7.91 19.16
C ARG B 212 2.51 -6.45 19.51
N ASN B 213 3.77 -6.04 19.63
CA ASN B 213 4.11 -4.64 19.90
C ASN B 213 3.72 -3.71 18.76
N TRP B 214 4.07 -4.13 17.55
CA TRP B 214 3.69 -3.38 16.35
C TRP B 214 2.17 -3.38 16.21
N ASN B 215 1.51 -4.48 16.52
CA ASN B 215 0.06 -4.47 16.38
C ASN B 215 -0.54 -3.36 17.25
N PHE B 216 -0.04 -3.21 18.48
CA PHE B 216 -0.66 -2.33 19.49
C PHE B 216 -0.18 -0.91 19.46
N LEU B 217 1.01 -0.73 18.90
CA LEU B 217 1.62 0.55 18.81
C LEU B 217 1.39 1.14 17.46
N ALA B 218 0.96 0.35 16.48
CA ALA B 218 0.89 0.86 15.12
C ALA B 218 -0.42 0.45 14.41
N VAL B 219 -0.60 -0.86 14.25
CA VAL B 219 -1.70 -1.34 13.46
C VAL B 219 -3.05 -0.88 13.99
N THR B 220 -3.25 -0.88 15.30
CA THR B 220 -4.52 -0.48 15.90
C THR B 220 -4.47 0.86 16.62
N HIS B 221 -3.29 1.51 16.68
CA HIS B 221 -3.12 2.73 17.46
C HIS B 221 -3.39 4.03 16.61
N PRO B 222 -4.38 4.83 17.02
CA PRO B 222 -4.63 6.07 16.29
C PRO B 222 -3.52 7.09 16.36
N GLY B 223 -2.60 6.97 17.30
CA GLY B 223 -1.55 7.99 17.46
C GLY B 223 -0.44 7.84 16.45
N TYR B 224 -0.34 6.64 15.90
CA TYR B 224 0.77 6.26 15.07
C TYR B 224 0.66 6.92 13.69
N MET B 225 1.72 7.64 13.32
CA MET B 225 1.78 8.31 12.00
C MET B 225 2.92 7.76 11.15
N ALA B 226 2.59 7.20 10.00
CA ALA B 226 3.57 6.63 9.10
C ALA B 226 4.03 7.69 8.09
N PHE B 227 5.32 7.80 7.89
CA PHE B 227 5.91 8.68 6.86
C PHE B 227 5.48 10.11 7.06
N LEU B 228 5.64 10.59 8.28
CA LEU B 228 5.43 12.01 8.60
C LEU B 228 6.72 12.67 9.02
N THR B 229 6.84 13.94 8.70
CA THR B 229 7.92 14.76 9.17
C THR B 229 7.55 15.55 10.40
N TYR B 230 8.62 16.08 11.03
CA TYR B 230 8.56 17.01 12.13
C TYR B 230 7.59 18.12 11.85
N ASP B 231 7.72 18.72 10.68
CA ASP B 231 6.86 19.86 10.31
C ASP B 231 5.41 19.40 10.12
N GLU B 232 5.21 18.23 9.54
CA GLU B 232 3.85 17.67 9.43
C GLU B 232 3.23 17.40 10.80
N VAL B 233 4.01 16.85 11.73
CA VAL B 233 3.48 16.54 13.07
C VAL B 233 3.01 17.83 13.71
N LYS B 234 3.84 18.85 13.55
CA LYS B 234 3.57 20.15 14.15
C LYS B 234 2.31 20.78 13.56
N ALA B 235 2.19 20.82 12.24
CA ALA B 235 0.95 21.35 11.61
C ALA B 235 -0.31 20.55 11.97
N ARG B 236 -0.17 19.24 12.10
CA ARG B 236 -1.34 18.39 12.43
C ARG B 236 -1.84 18.59 13.85
N LEU B 237 -0.94 18.67 14.81
CA LEU B 237 -1.30 18.87 16.22
C LEU B 237 -1.72 20.31 16.53
N GLN B 238 -1.51 21.18 15.56
CA GLN B 238 -1.95 22.56 15.61
C GLN B 238 -3.47 22.59 15.64
N LYS B 239 -4.10 21.66 14.91
CA LYS B 239 -5.56 21.59 14.88
C LYS B 239 -6.14 21.34 16.27
N TYR B 240 -5.35 20.72 17.15
CA TYR B 240 -5.80 20.27 18.47
C TYR B 240 -5.17 21.09 19.62
N SER B 241 -4.68 22.27 19.31
CA SER B 241 -3.94 23.06 20.29
C SER B 241 -4.77 23.54 21.48
N THR B 242 -6.10 23.50 21.34
CA THR B 242 -7.03 23.76 22.43
C THR B 242 -7.31 22.50 23.28
N LYS B 243 -6.68 21.37 22.95
CA LYS B 243 -6.86 20.12 23.71
C LYS B 243 -5.49 19.54 24.11
N PRO B 244 -4.94 20.09 25.20
CA PRO B 244 -3.71 19.62 25.75
C PRO B 244 -3.74 18.14 26.08
N GLY B 245 -2.62 17.47 25.91
CA GLY B 245 -2.63 16.02 26.00
C GLY B 245 -2.85 15.32 24.65
N SER B 246 -3.16 16.06 23.59
CA SER B 246 -3.22 15.47 22.25
C SER B 246 -1.82 15.15 21.81
N TYR B 247 -1.65 13.99 21.20
CA TYR B 247 -0.32 13.55 20.82
C TYR B 247 -0.41 12.58 19.69
N ILE B 248 0.72 12.47 19.01
CA ILE B 248 0.91 11.48 17.97
C ILE B 248 2.39 11.14 18.02
N PHE B 249 2.75 10.04 17.36
CA PHE B 249 4.13 9.62 17.31
C PHE B 249 4.51 9.01 15.95
N ARG B 250 5.81 9.02 15.72
CA ARG B 250 6.37 8.52 14.50
C ARG B 250 7.88 8.35 14.62
N LEU B 251 8.38 7.71 13.58
CA LEU B 251 9.78 7.46 13.38
CA LEU B 251 9.79 7.46 13.43
C LEU B 251 10.58 8.77 13.30
N SER B 252 11.58 8.93 14.15
CA SER B 252 12.50 10.03 13.97
C SER B 252 13.17 9.92 12.58
N CYS B 253 13.20 11.03 11.85
CA CYS B 253 13.92 11.06 10.58
C CYS B 253 15.46 11.23 10.75
N THR B 254 15.92 11.99 11.74
CA THR B 254 17.37 12.23 11.92
C THR B 254 17.97 11.30 12.96
N ARG B 255 17.15 10.46 13.56
CA ARG B 255 17.63 9.53 14.58
C ARG B 255 16.87 8.22 14.38
N LEU B 256 17.18 7.63 13.25
CA LEU B 256 16.51 6.46 12.74
C LEU B 256 16.67 5.34 13.75
N GLY B 257 15.60 4.61 13.95
CA GLY B 257 15.52 3.58 14.96
C GLY B 257 14.86 4.05 16.24
N GLN B 258 14.58 5.36 16.36
CA GLN B 258 13.86 5.87 17.53
C GLN B 258 12.63 6.65 17.17
N TRP B 259 11.76 6.76 18.13
CA TRP B 259 10.53 7.45 17.88
C TRP B 259 10.59 8.92 18.28
N ALA B 260 9.74 9.73 17.63
CA ALA B 260 9.56 11.15 17.99
C ALA B 260 8.10 11.31 18.42
N ILE B 261 7.85 11.72 19.67
CA ILE B 261 6.50 11.91 20.12
C ILE B 261 6.19 13.40 20.13
N GLY B 262 5.12 13.77 19.41
CA GLY B 262 4.59 15.13 19.38
C GLY B 262 3.39 15.24 20.31
N TYR B 263 3.37 16.27 21.16
CA TYR B 263 2.22 16.49 22.05
C TYR B 263 1.94 17.95 22.24
N VAL B 264 0.67 18.25 22.54
CA VAL B 264 0.21 19.60 22.86
C VAL B 264 0.34 19.83 24.39
N THR B 265 1.09 20.88 24.77
CA THR B 265 1.33 21.17 26.16
C THR B 265 0.09 21.82 26.74
N GLY B 266 0.10 22.00 28.05
CA GLY B 266 -0.93 22.77 28.74
C GLY B 266 -1.08 24.22 28.32
N ASP B 267 0.00 24.87 27.89
CA ASP B 267 -0.07 26.25 27.40
C ASP B 267 -0.27 26.34 25.87
N GLY B 268 -0.50 25.20 25.23
CA GLY B 268 -0.86 25.21 23.81
C GLY B 268 0.28 25.07 22.83
N ASN B 269 1.51 24.84 23.33
CA ASN B 269 2.69 24.59 22.50
C ASN B 269 2.72 23.15 22.02
N ILE B 270 3.38 22.95 20.88
CA ILE B 270 3.59 21.68 20.25
C ILE B 270 5.05 21.39 20.45
N LEU B 271 5.33 20.38 21.30
CA LEU B 271 6.68 19.90 21.50
C LEU B 271 6.83 18.51 20.95
N GLN B 272 8.05 18.19 20.53
CA GLN B 272 8.36 16.83 20.14
C GLN B 272 9.61 16.32 20.86
N THR B 273 9.49 15.07 21.31
CA THR B 273 10.50 14.49 22.14
C THR B 273 10.83 13.08 21.69
N ILE B 274 12.04 12.65 21.99
CA ILE B 274 12.55 11.35 21.55
C ILE B 274 12.93 10.53 22.74
N PRO B 275 12.22 9.42 22.98
CA PRO B 275 12.61 8.45 24.04
C PRO B 275 13.98 7.83 23.73
N HIS B 276 14.80 7.55 24.73
CA HIS B 276 16.16 7.01 24.43
C HIS B 276 16.53 5.64 25.08
N ASN B 277 16.10 5.38 26.32
CA ASN B 277 16.39 4.07 26.98
C ASN B 277 15.14 3.33 27.38
N LYS B 278 14.29 3.04 26.40
CA LYS B 278 12.95 2.53 26.68
C LYS B 278 12.21 2.22 25.41
N PRO B 279 11.46 1.13 25.43
CA PRO B 279 10.56 0.93 24.30
C PRO B 279 9.51 2.02 24.27
N LEU B 280 9.07 2.34 23.07
CA LEU B 280 7.98 3.24 22.89
C LEU B 280 6.84 3.03 23.93
N PHE B 281 6.43 1.80 24.14
CA PHE B 281 5.24 1.60 24.95
C PHE B 281 5.46 2.01 26.42
N GLN B 282 6.69 1.95 26.90
CA GLN B 282 7.01 2.50 28.21
C GLN B 282 6.85 4.00 28.23
N ALA B 283 7.30 4.67 27.18
CA ALA B 283 7.19 6.11 27.16
C ALA B 283 5.73 6.50 27.11
N LEU B 284 4.93 5.78 26.33
CA LEU B 284 3.51 6.11 26.21
C LEU B 284 2.79 5.85 27.52
N ILE B 285 3.11 4.73 28.17
CA ILE B 285 2.49 4.41 29.46
C ILE B 285 2.78 5.53 30.45
N ASP B 286 4.06 5.85 30.61
CA ASP B 286 4.52 6.93 31.48
C ASP B 286 3.93 8.28 31.16
N GLY B 287 3.96 8.69 29.89
CA GLY B 287 3.46 10.01 29.52
C GLY B 287 1.98 10.13 29.82
N SER B 288 1.27 9.03 29.60
CA SER B 288 -0.15 8.98 29.79
C SER B 288 -0.52 9.04 31.27
N ARG B 289 0.33 8.43 32.10
CA ARG B 289 0.11 8.36 33.54
C ARG B 289 0.28 9.74 34.14
N GLU B 290 1.07 10.59 33.48
CA GLU B 290 1.37 11.92 34.00
C GLU B 290 0.61 13.00 33.28
N GLY B 291 -0.33 12.62 32.40
CA GLY B 291 -1.17 13.59 31.68
C GLY B 291 -0.63 14.18 30.37
N PHE B 292 0.51 13.74 29.89
CA PHE B 292 1.07 14.40 28.68
C PHE B 292 0.56 13.81 27.37
N TYR B 293 0.31 12.50 27.38
CA TYR B 293 -0.05 11.76 26.18
C TYR B 293 -1.41 11.13 26.43
N LEU B 294 -2.48 11.92 26.28
CA LEU B 294 -3.81 11.49 26.61
C LEU B 294 -4.72 11.21 25.44
N TYR B 295 -4.64 12.03 24.39
CA TYR B 295 -5.59 11.98 23.29
C TYR B 295 -4.81 11.77 21.98
N PRO B 296 -4.71 10.51 21.54
CA PRO B 296 -3.93 10.22 20.34
C PRO B 296 -4.59 10.77 19.09
N ASP B 297 -3.91 11.69 18.43
CA ASP B 297 -4.40 12.34 17.24
C ASP B 297 -5.63 13.12 17.66
N GLY B 298 -5.63 13.60 18.92
CA GLY B 298 -6.72 14.36 19.46
C GLY B 298 -8.02 13.60 19.73
N ARG B 299 -7.98 12.28 19.59
CA ARG B 299 -9.13 11.41 19.88
C ARG B 299 -9.29 11.05 21.38
N SER B 300 -10.53 10.70 21.72
CA SER B 300 -10.96 10.45 23.09
C SER B 300 -10.42 9.14 23.63
N TYR B 301 -10.48 8.10 22.84
CA TYR B 301 -10.07 6.76 23.28
C TYR B 301 -8.56 6.56 23.14
N ASN B 302 -7.88 6.29 24.24
CA ASN B 302 -6.43 6.03 24.25
C ASN B 302 -6.17 4.54 24.50
N PRO B 303 -5.46 3.86 23.59
CA PRO B 303 -5.29 2.41 23.82
C PRO B 303 -4.48 2.05 25.02
N ASP B 304 -4.95 1.06 25.77
CA ASP B 304 -4.28 0.55 26.95
C ASP B 304 -3.06 -0.24 26.47
N LEU B 305 -1.87 0.21 26.76
CA LEU B 305 -0.66 -0.49 26.34
C LEU B 305 -0.02 -1.25 27.52
N THR B 306 -0.70 -1.29 28.67
CA THR B 306 -0.07 -1.86 29.87
C THR B 306 0.22 -3.34 29.69
N GLY B 307 -0.61 -4.01 28.88
CA GLY B 307 -0.43 -5.42 28.57
C GLY B 307 0.94 -5.74 27.97
N LEU B 308 1.48 -4.81 27.17
CA LEU B 308 2.82 -4.98 26.58
C LEU B 308 3.93 -4.90 27.65
N ALA B 309 3.68 -4.18 28.73
CA ALA B 309 4.65 -4.06 29.80
C ALA B 309 4.75 -5.34 30.61
N GLU B 310 3.75 -6.23 30.53
CA GLU B 310 3.83 -7.58 31.12
C GLU B 310 4.89 -8.49 30.43
N ASN B 311 6.15 -8.04 30.52
CA ASN B 311 7.35 -8.79 30.14
C ASN B 311 7.90 -9.58 31.33
N LEU B 312 7.06 -10.04 32.24
CA LEU B 312 7.55 -10.64 33.48
C LEU B 312 6.93 -12.02 33.67
N TYR B 313 7.70 -12.94 34.27
CA TYR B 313 7.33 -14.36 34.37
C TYR B 313 7.03 -14.97 32.99
N LEU C 1 -20.27 -29.66 -14.24
CA LEU C 1 -20.14 -28.24 -13.75
C LEU C 1 -19.31 -27.35 -14.69
N GLN C 2 -19.42 -26.04 -14.46
CA GLN C 2 -18.78 -25.01 -15.31
C GLN C 2 -17.54 -24.45 -14.61
N ARG C 3 -17.33 -23.15 -14.70
CA ARG C 3 -16.20 -22.49 -14.04
C ARG C 3 -16.48 -22.37 -12.53
N SER C 5 -19.13 -23.51 -9.51
CA SER C 5 -20.03 -24.64 -9.23
C SER C 5 -20.95 -24.30 -8.07
N SER C 6 -21.86 -25.24 -7.78
CA SER C 6 -22.88 -25.14 -6.72
C SER C 6 -22.35 -25.16 -5.30
N ASP C 7 -22.99 -24.40 -4.44
CA ASP C 7 -22.77 -24.44 -3.01
C ASP C 7 -22.69 -25.90 -2.56
N PRO C 8 -21.57 -26.31 -1.95
CA PRO C 8 -21.43 -27.68 -1.52
C PRO C 8 -22.30 -28.08 -0.33
N THR C 9 -22.80 -27.13 0.46
CA THR C 9 -23.64 -27.47 1.61
C THR C 9 -25.13 -27.61 1.26
N GLY C 10 -25.53 -27.06 0.09
CA GLY C 10 -26.92 -27.13 -0.37
C GLY C 10 -27.78 -25.98 0.15
N LEU D 1 16.87 26.65 19.53
CA LEU D 1 17.91 25.77 18.93
C LEU D 1 17.43 24.32 18.85
N GLN D 2 16.95 23.78 19.98
CA GLN D 2 16.47 22.39 20.05
C GLN D 2 15.05 22.20 19.51
N ARG D 3 14.92 21.55 18.36
CA ARG D 3 13.59 21.25 17.86
C ARG D 3 13.04 20.01 18.55
N SER D 5 12.81 18.13 22.17
CA SER D 5 12.89 18.57 23.57
C SER D 5 12.84 17.44 24.58
N SER D 6 13.28 17.77 25.78
CA SER D 6 13.43 16.80 26.82
C SER D 6 12.13 16.09 27.12
N ASP D 7 12.29 14.83 27.52
CA ASP D 7 11.24 13.95 27.94
C ASP D 7 10.47 14.67 29.07
N PRO D 8 9.17 14.93 28.86
CA PRO D 8 8.37 15.63 29.84
C PRO D 8 8.15 14.89 31.16
N THR D 9 8.22 13.55 31.15
CA THR D 9 8.09 12.78 32.39
C THR D 9 9.41 12.72 33.18
N GLY D 10 10.53 12.83 32.44
CA GLY D 10 11.87 12.71 33.02
C GLY D 10 12.20 11.31 33.53
N ALA D 11 11.58 10.30 32.92
CA ALA D 11 11.58 8.93 33.49
C ALA D 11 12.36 7.91 32.67
#